data_8HF2
#
_entry.id   8HF2
#
_cell.length_a   1.00
_cell.length_b   1.00
_cell.length_c   1.00
_cell.angle_alpha   90.00
_cell.angle_beta   90.00
_cell.angle_gamma   90.00
#
_symmetry.space_group_name_H-M   'P 1'
#
_entity_poly.entity_id   1
_entity_poly.type   'polypeptide(L)'
_entity_poly.pdbx_seq_one_letter_code
;METVSAVNQTLPISGGEPVKFTTYSAAVHKVLVMVNAGILGLLQLVSQQSSVLETHKAAFLCFCVFILFYAVLRVREAMD
VRLQPGLVPRLIGHGSHLFGGLAALVLVSVVSTAFSIVLFLLWFIWLSAVVYLETNKPSACPPQLPPV
;
_entity_poly.pdbx_strand_id   A,B,C,D,E
#
# COMPACT_ATOMS: atom_id res chain seq x y z
N VAL A 19 -10.06 -16.95 -22.33
CA VAL A 19 -9.34 -16.93 -21.06
C VAL A 19 -8.75 -15.54 -20.84
N LYS A 20 -8.62 -14.78 -21.93
CA LYS A 20 -8.24 -13.38 -21.84
C LYS A 20 -8.96 -12.65 -20.71
N PHE A 21 -10.18 -13.10 -20.40
CA PHE A 21 -11.09 -12.33 -19.59
C PHE A 21 -10.53 -12.06 -18.20
N THR A 22 -10.11 -13.11 -17.51
CA THR A 22 -9.65 -12.95 -16.14
C THR A 22 -8.45 -12.03 -16.06
N THR A 23 -7.55 -12.13 -17.04
CA THR A 23 -6.40 -11.25 -17.05
C THR A 23 -6.82 -9.81 -17.17
N TYR A 24 -7.64 -9.53 -18.17
CA TYR A 24 -8.19 -8.21 -18.34
C TYR A 24 -8.74 -7.69 -17.02
N SER A 25 -9.59 -8.51 -16.39
CA SER A 25 -10.27 -8.09 -15.18
C SER A 25 -9.28 -7.79 -14.06
N ALA A 26 -8.32 -8.67 -13.87
CA ALA A 26 -7.39 -8.49 -12.77
C ALA A 26 -6.62 -7.20 -12.95
N ALA A 27 -6.03 -7.01 -14.13
CA ALA A 27 -5.20 -5.84 -14.35
C ALA A 27 -6.01 -4.56 -14.21
N VAL A 28 -7.25 -4.57 -14.70
CA VAL A 28 -8.06 -3.38 -14.63
C VAL A 28 -8.42 -3.08 -13.18
N HIS A 29 -8.75 -4.13 -12.43
CA HIS A 29 -8.95 -3.98 -10.99
C HIS A 29 -7.77 -3.25 -10.39
N LYS A 30 -6.58 -3.69 -10.74
CA LYS A 30 -5.38 -3.12 -10.15
C LYS A 30 -5.31 -1.62 -10.39
N VAL A 31 -5.34 -1.22 -11.65
CA VAL A 31 -5.11 0.20 -11.92
C VAL A 31 -6.26 1.03 -11.39
N LEU A 32 -7.47 0.48 -11.39
CA LEU A 32 -8.59 1.25 -10.89
C LEU A 32 -8.40 1.57 -9.42
N VAL A 33 -8.00 0.59 -8.64
CA VAL A 33 -7.65 0.86 -7.25
C VAL A 33 -6.58 1.95 -7.21
N MET A 34 -5.58 1.83 -8.09
CA MET A 34 -4.50 2.82 -8.08
C MET A 34 -5.08 4.23 -8.16
N VAL A 35 -5.87 4.49 -9.20
CA VAL A 35 -6.30 5.88 -9.45
C VAL A 35 -7.23 6.35 -8.35
N ASN A 36 -8.09 5.46 -7.87
CA ASN A 36 -8.97 5.89 -6.77
C ASN A 36 -8.13 6.37 -5.59
N ALA A 37 -7.15 5.57 -5.19
CA ALA A 37 -6.35 5.99 -4.05
C ALA A 37 -5.65 7.29 -4.33
N GLY A 38 -5.18 7.45 -5.56
CA GLY A 38 -4.48 8.68 -5.90
C GLY A 38 -5.38 9.90 -5.81
N ILE A 39 -6.64 9.76 -6.20
CA ILE A 39 -7.50 10.92 -6.17
C ILE A 39 -7.81 11.28 -4.73
N LEU A 40 -7.98 10.26 -3.89
CA LEU A 40 -8.13 10.56 -2.48
C LEU A 40 -6.89 11.25 -1.95
N GLY A 41 -5.73 10.81 -2.41
CA GLY A 41 -4.50 11.45 -1.99
C GLY A 41 -4.53 12.92 -2.33
N LEU A 42 -4.91 13.24 -3.56
CA LEU A 42 -5.01 14.64 -3.95
C LEU A 42 -5.92 15.40 -3.01
N LEU A 43 -7.18 15.02 -2.95
CA LEU A 43 -8.06 15.85 -2.14
C LEU A 43 -7.78 15.71 -0.65
N GLN A 44 -6.69 15.05 -0.26
CA GLN A 44 -6.13 15.34 1.05
C GLN A 44 -5.49 16.70 1.10
N LEU A 45 -5.60 17.45 0.01
CA LEU A 45 -4.80 18.64 -0.19
C LEU A 45 -5.63 19.77 -0.75
N VAL A 46 -6.79 19.99 -0.16
CA VAL A 46 -7.82 20.82 -0.75
C VAL A 46 -7.79 22.22 -0.16
N SER A 47 -8.17 22.31 1.11
CA SER A 47 -8.31 23.61 1.74
C SER A 47 -7.84 23.51 3.19
N GLN A 48 -6.68 24.07 3.46
CA GLN A 48 -6.39 24.50 4.81
C GLN A 48 -7.23 25.70 5.21
N GLN A 49 -8.05 26.21 4.28
CA GLN A 49 -8.88 27.37 4.54
C GLN A 49 -10.19 26.95 5.22
N SER A 50 -10.96 26.12 4.54
CA SER A 50 -12.26 25.68 5.01
C SER A 50 -12.38 24.17 4.86
N SER A 51 -13.52 23.65 5.30
CA SER A 51 -13.80 22.24 5.20
C SER A 51 -14.64 21.97 3.95
N VAL A 52 -14.46 20.80 3.37
CA VAL A 52 -15.21 20.34 2.22
C VAL A 52 -15.77 18.96 2.43
N LEU A 53 -15.53 18.37 3.59
CA LEU A 53 -16.27 17.18 3.95
C LEU A 53 -17.75 17.45 4.09
N GLU A 54 -18.11 18.61 4.64
CA GLU A 54 -19.51 18.99 4.81
C GLU A 54 -20.07 19.48 3.50
N THR A 55 -19.53 20.57 2.98
CA THR A 55 -19.78 20.93 1.60
C THR A 55 -19.56 19.71 0.73
N HIS A 56 -20.32 19.64 -0.37
CA HIS A 56 -20.22 18.53 -1.31
C HIS A 56 -20.46 17.18 -0.64
N LYS A 57 -21.03 17.20 0.57
CA LYS A 57 -21.31 15.97 1.31
C LYS A 57 -21.86 14.89 0.39
N ALA A 58 -22.78 15.26 -0.48
CA ALA A 58 -23.53 14.28 -1.24
C ALA A 58 -22.59 13.36 -1.99
N ALA A 59 -21.51 13.91 -2.51
CA ALA A 59 -20.62 13.11 -3.36
C ALA A 59 -20.01 11.97 -2.56
N PHE A 60 -19.45 12.27 -1.41
CA PHE A 60 -18.89 11.22 -0.56
C PHE A 60 -19.97 10.24 -0.15
N LEU A 61 -21.15 10.78 0.19
CA LEU A 61 -22.22 9.93 0.68
C LEU A 61 -22.61 8.91 -0.36
N CYS A 62 -22.47 9.26 -1.63
CA CYS A 62 -22.74 8.30 -2.69
C CYS A 62 -21.51 7.45 -2.95
N PHE A 63 -20.34 8.03 -2.72
CA PHE A 63 -19.09 7.35 -3.03
C PHE A 63 -18.98 6.06 -2.26
N CYS A 64 -19.29 6.13 -0.97
CA CYS A 64 -19.11 4.94 -0.13
C CYS A 64 -19.92 3.77 -0.67
N VAL A 65 -21.22 3.99 -0.89
CA VAL A 65 -22.05 2.89 -1.35
C VAL A 65 -21.59 2.44 -2.73
N PHE A 66 -21.15 3.37 -3.56
CA PHE A 66 -20.69 3.00 -4.89
C PHE A 66 -19.55 2.00 -4.82
N ILE A 67 -18.44 2.40 -4.18
CA ILE A 67 -17.31 1.50 -4.08
C ILE A 67 -17.71 0.22 -3.37
N LEU A 68 -18.76 0.27 -2.54
CA LEU A 68 -19.18 -0.96 -1.90
C LEU A 68 -19.77 -1.92 -2.91
N PHE A 69 -20.64 -1.40 -3.78
CA PHE A 69 -21.06 -2.16 -4.93
C PHE A 69 -19.85 -2.74 -5.66
N TYR A 70 -18.82 -1.93 -5.80
CA TYR A 70 -17.62 -2.38 -6.49
C TYR A 70 -17.07 -3.64 -5.86
N ALA A 71 -16.82 -3.57 -4.56
CA ALA A 71 -16.20 -4.69 -3.86
C ALA A 71 -17.05 -5.94 -3.96
N VAL A 72 -18.35 -5.80 -3.67
CA VAL A 72 -19.22 -6.97 -3.67
C VAL A 72 -19.34 -7.58 -5.05
N LEU A 73 -19.14 -6.79 -6.09
CA LEU A 73 -19.12 -7.37 -7.42
C LEU A 73 -17.84 -8.15 -7.67
N ARG A 74 -16.70 -7.51 -7.40
CA ARG A 74 -15.43 -8.16 -7.67
C ARG A 74 -15.35 -9.50 -6.96
N VAL A 75 -15.95 -9.60 -5.78
CA VAL A 75 -15.82 -10.83 -5.00
C VAL A 75 -16.46 -11.99 -5.74
N ARG A 76 -17.73 -11.84 -6.12
CA ARG A 76 -18.38 -12.93 -6.82
C ARG A 76 -17.72 -13.18 -8.16
N GLU A 77 -17.17 -12.13 -8.77
CA GLU A 77 -16.43 -12.33 -10.02
C GLU A 77 -15.28 -13.30 -9.80
N ALA A 78 -14.43 -13.00 -8.83
CA ALA A 78 -13.31 -13.89 -8.54
C ALA A 78 -13.80 -15.26 -8.07
N MET A 79 -15.00 -15.33 -7.50
CA MET A 79 -15.57 -16.61 -7.15
C MET A 79 -15.85 -17.44 -8.39
N ASP A 80 -16.38 -16.81 -9.43
CA ASP A 80 -16.92 -17.49 -10.60
C ASP A 80 -15.87 -17.74 -11.68
N VAL A 81 -14.59 -17.60 -11.36
CA VAL A 81 -13.55 -17.69 -12.41
C VAL A 81 -13.48 -19.10 -12.97
N ARG A 82 -13.25 -20.08 -12.10
CA ARG A 82 -12.98 -21.43 -12.57
C ARG A 82 -14.22 -22.05 -13.19
N LEU A 83 -15.40 -21.55 -12.83
CA LEU A 83 -16.63 -22.21 -13.23
C LEU A 83 -16.97 -21.93 -14.68
N GLN A 84 -16.88 -20.67 -15.10
CA GLN A 84 -17.42 -20.27 -16.38
C GLN A 84 -16.63 -19.13 -17.02
N PRO A 85 -16.25 -19.27 -18.30
CA PRO A 85 -15.69 -18.12 -19.02
C PRO A 85 -16.76 -17.37 -19.81
N GLY A 86 -18.02 -17.72 -19.58
CA GLY A 86 -19.11 -17.29 -20.44
C GLY A 86 -19.61 -15.90 -20.16
N LEU A 87 -20.84 -15.64 -20.59
CA LEU A 87 -21.42 -14.31 -20.51
C LEU A 87 -21.88 -13.99 -19.08
N VAL A 88 -22.39 -14.98 -18.37
CA VAL A 88 -22.91 -14.79 -17.03
C VAL A 88 -21.86 -14.06 -16.20
N PRO A 89 -20.65 -14.60 -16.06
CA PRO A 89 -19.61 -13.86 -15.32
C PRO A 89 -19.16 -12.61 -16.05
N ARG A 90 -19.28 -12.61 -17.37
CA ARG A 90 -18.88 -11.46 -18.15
C ARG A 90 -19.59 -10.20 -17.67
N LEU A 91 -20.92 -10.27 -17.61
CA LEU A 91 -21.71 -9.14 -17.15
C LEU A 91 -21.26 -8.70 -15.76
N ILE A 92 -21.09 -9.65 -14.86
CA ILE A 92 -20.77 -9.32 -13.47
C ILE A 92 -19.48 -8.53 -13.42
N GLY A 93 -18.41 -9.10 -13.97
CA GLY A 93 -17.13 -8.43 -13.91
C GLY A 93 -17.22 -7.05 -14.54
N HIS A 94 -17.94 -6.96 -15.64
CA HIS A 94 -17.97 -5.69 -16.36
C HIS A 94 -18.64 -4.61 -15.51
N GLY A 95 -19.77 -4.94 -14.87
CA GLY A 95 -20.42 -3.95 -14.05
C GLY A 95 -19.57 -3.57 -12.84
N SER A 96 -18.87 -4.55 -12.29
CA SER A 96 -17.93 -4.25 -11.23
C SER A 96 -16.96 -3.19 -11.68
N HIS A 97 -16.37 -3.37 -12.86
CA HIS A 97 -15.43 -2.36 -13.33
C HIS A 97 -16.14 -1.03 -13.52
N LEU A 98 -17.41 -1.06 -13.87
CA LEU A 98 -18.16 0.18 -14.07
C LEU A 98 -18.18 1.04 -12.81
N PHE A 99 -18.67 0.44 -11.73
CA PHE A 99 -19.03 1.25 -10.56
C PHE A 99 -17.84 2.06 -10.08
N GLY A 100 -16.65 1.49 -10.15
CA GLY A 100 -15.51 2.15 -9.55
C GLY A 100 -15.09 3.39 -10.33
N GLY A 101 -15.04 3.27 -11.65
CA GLY A 101 -14.81 4.45 -12.46
C GLY A 101 -15.86 5.51 -12.17
N LEU A 102 -17.10 5.07 -11.97
CA LEU A 102 -18.13 6.03 -11.61
C LEU A 102 -17.76 6.77 -10.33
N ALA A 103 -17.27 6.03 -9.34
CA ALA A 103 -16.93 6.62 -8.06
C ALA A 103 -15.83 7.64 -8.22
N ALA A 104 -14.78 7.25 -8.95
CA ALA A 104 -13.69 8.17 -9.20
C ALA A 104 -14.20 9.44 -9.85
N LEU A 105 -15.13 9.31 -10.79
CA LEU A 105 -15.72 10.48 -11.41
C LEU A 105 -16.34 11.39 -10.38
N VAL A 106 -17.29 10.85 -9.62
CA VAL A 106 -18.02 11.67 -8.67
C VAL A 106 -17.06 12.39 -7.73
N LEU A 107 -16.10 11.64 -7.20
CA LEU A 107 -15.21 12.24 -6.23
C LEU A 107 -14.38 13.35 -6.85
N VAL A 108 -13.74 13.08 -7.99
CA VAL A 108 -12.86 14.05 -8.58
C VAL A 108 -13.64 15.31 -8.90
N SER A 109 -14.95 15.16 -9.11
CA SER A 109 -15.75 16.32 -9.43
C SER A 109 -15.43 17.49 -8.52
N VAL A 110 -15.18 17.21 -7.24
CA VAL A 110 -15.08 18.27 -6.25
C VAL A 110 -13.95 19.23 -6.53
N VAL A 111 -12.90 18.77 -7.21
CA VAL A 111 -11.83 19.69 -7.56
C VAL A 111 -12.31 20.65 -8.64
N SER A 112 -13.06 20.14 -9.62
CA SER A 112 -13.59 20.96 -10.68
C SER A 112 -14.65 20.19 -11.45
N THR A 113 -15.45 20.93 -12.19
CA THR A 113 -16.56 20.38 -12.93
C THR A 113 -16.20 20.03 -14.38
N ALA A 114 -14.96 20.28 -14.79
CA ALA A 114 -14.57 20.05 -16.17
C ALA A 114 -14.31 18.58 -16.43
N PHE A 115 -13.26 18.06 -15.81
CA PHE A 115 -12.99 16.64 -15.94
C PHE A 115 -14.21 15.86 -15.52
N SER A 116 -15.04 16.45 -14.67
CA SER A 116 -16.30 15.83 -14.31
C SER A 116 -17.07 15.42 -15.55
N ILE A 117 -17.41 16.40 -16.39
CA ILE A 117 -18.23 16.11 -17.56
C ILE A 117 -17.43 15.34 -18.59
N VAL A 118 -16.13 15.62 -18.70
CA VAL A 118 -15.31 14.90 -19.67
C VAL A 118 -15.35 13.40 -19.37
N LEU A 119 -15.26 13.06 -18.10
CA LEU A 119 -15.18 11.67 -17.72
C LEU A 119 -16.57 11.04 -17.69
N PHE A 120 -17.60 11.82 -17.38
CA PHE A 120 -18.96 11.38 -17.66
C PHE A 120 -19.05 10.88 -19.09
N LEU A 121 -18.61 11.72 -20.02
CA LEU A 121 -18.70 11.36 -21.43
C LEU A 121 -17.84 10.15 -21.75
N LEU A 122 -16.67 10.05 -21.14
CA LEU A 122 -15.79 8.92 -21.44
C LEU A 122 -16.43 7.62 -20.98
N TRP A 123 -17.00 7.62 -19.78
CA TRP A 123 -17.73 6.46 -19.31
C TRP A 123 -18.88 6.13 -20.25
N PHE A 124 -19.55 7.16 -20.75
CA PHE A 124 -20.65 6.95 -21.67
C PHE A 124 -20.19 6.18 -22.90
N ILE A 125 -19.19 6.73 -23.59
CA ILE A 125 -18.67 6.08 -24.80
C ILE A 125 -18.14 4.70 -24.46
N TRP A 126 -17.64 4.54 -23.25
CA TRP A 126 -17.04 3.27 -22.87
C TRP A 126 -18.10 2.19 -22.81
N LEU A 127 -19.19 2.48 -22.11
CA LEU A 127 -20.32 1.56 -22.08
C LEU A 127 -20.86 1.35 -23.48
N SER A 128 -20.82 2.40 -24.31
CA SER A 128 -21.31 2.28 -25.67
C SER A 128 -20.52 1.25 -26.44
N ALA A 129 -19.19 1.34 -26.41
CA ALA A 129 -18.36 0.36 -27.10
C ALA A 129 -18.55 -1.02 -26.51
N VAL A 130 -18.73 -1.10 -25.19
CA VAL A 130 -19.00 -2.37 -24.55
C VAL A 130 -20.17 -3.06 -25.21
N VAL A 131 -21.33 -2.38 -25.20
CA VAL A 131 -22.54 -2.99 -25.73
C VAL A 131 -22.38 -3.24 -27.22
N TYR A 132 -21.71 -2.32 -27.92
CA TYR A 132 -21.41 -2.50 -29.33
C TYR A 132 -20.80 -3.87 -29.59
N LEU A 133 -19.69 -4.15 -28.90
CA LEU A 133 -19.01 -5.43 -29.09
C LEU A 133 -19.83 -6.57 -28.54
N GLU A 134 -20.67 -6.31 -27.54
CA GLU A 134 -21.49 -7.35 -26.98
C GLU A 134 -22.48 -7.88 -28.00
N THR A 135 -23.07 -6.98 -28.78
CA THR A 135 -24.13 -7.34 -29.70
C THR A 135 -23.69 -7.34 -31.15
N ASN A 136 -22.44 -7.01 -31.44
CA ASN A 136 -21.97 -7.01 -32.82
C ASN A 136 -21.95 -8.42 -33.39
N LYS A 137 -21.93 -9.44 -32.54
CA LYS A 137 -21.88 -10.82 -32.97
C LYS A 137 -22.69 -11.67 -31.99
N PRO A 138 -23.23 -12.81 -32.45
CA PRO A 138 -23.97 -13.69 -31.54
C PRO A 138 -23.12 -14.18 -30.38
N VAL B 19 12.22 -12.66 -23.91
CA VAL B 19 11.32 -12.85 -22.80
C VAL B 19 11.67 -11.87 -21.68
N LYS B 20 12.92 -11.37 -21.73
CA LYS B 20 13.34 -10.30 -20.83
C LYS B 20 12.29 -9.22 -20.70
N PHE B 21 11.50 -9.02 -21.75
CA PHE B 21 10.68 -7.82 -21.88
C PHE B 21 9.68 -7.70 -20.74
N THR B 22 8.89 -8.75 -20.52
CA THR B 22 7.84 -8.68 -19.52
C THR B 22 8.41 -8.40 -18.14
N THR B 23 9.56 -9.01 -17.83
CA THR B 23 10.18 -8.79 -16.53
C THR B 23 10.54 -7.32 -16.38
N TYR B 24 11.27 -6.80 -17.37
CA TYR B 24 11.61 -5.39 -17.38
C TYR B 24 10.38 -4.55 -17.10
N SER B 25 9.31 -4.82 -17.85
CA SER B 25 8.11 -4.01 -17.77
C SER B 25 7.50 -4.09 -16.38
N ALA B 26 7.38 -5.28 -15.84
CA ALA B 26 6.74 -5.43 -14.54
C ALA B 26 7.51 -4.67 -13.49
N ALA B 27 8.81 -4.90 -13.41
CA ALA B 27 9.60 -4.27 -12.37
C ALA B 27 9.56 -2.76 -12.49
N VAL B 28 9.61 -2.25 -13.72
CA VAL B 28 9.61 -0.81 -13.91
C VAL B 28 8.27 -0.23 -13.49
N HIS B 29 7.19 -0.92 -13.87
CA HIS B 29 5.87 -0.55 -13.39
C HIS B 29 5.90 -0.38 -11.88
N LYS B 30 6.48 -1.36 -11.21
CA LYS B 30 6.48 -1.36 -9.75
C LYS B 30 7.13 -0.09 -9.22
N VAL B 31 8.38 0.14 -9.61
CA VAL B 31 9.09 1.26 -8.98
C VAL B 31 8.46 2.58 -9.40
N LEU B 32 7.94 2.66 -10.61
CA LEU B 32 7.34 3.90 -11.03
C LEU B 32 6.15 4.25 -10.15
N VAL B 33 5.29 3.28 -9.89
CA VAL B 33 4.23 3.50 -8.92
C VAL B 33 4.83 3.97 -7.60
N MET B 34 5.91 3.33 -7.18
CA MET B 34 6.52 3.70 -5.90
C MET B 34 6.80 5.21 -5.87
N VAL B 35 7.56 5.69 -6.84
CA VAL B 35 8.04 7.06 -6.77
C VAL B 35 6.88 8.03 -6.92
N ASN B 36 5.91 7.70 -7.77
CA ASN B 36 4.76 8.59 -7.89
C ASN B 36 4.08 8.76 -6.53
N ALA B 37 3.81 7.65 -5.85
CA ALA B 37 3.15 7.77 -4.58
C ALA B 37 3.99 8.56 -3.61
N GLY B 38 5.29 8.36 -3.65
CA GLY B 38 6.16 9.08 -2.74
C GLY B 38 6.13 10.59 -2.98
N ILE B 39 6.04 10.99 -4.24
CA ILE B 39 6.06 12.43 -4.50
C ILE B 39 4.77 13.03 -4.02
N LEU B 40 3.67 12.31 -4.21
CA LEU B 40 2.42 12.77 -3.65
C LEU B 40 2.53 12.87 -2.15
N GLY B 41 3.19 11.90 -1.53
CA GLY B 41 3.39 11.95 -0.11
C GLY B 41 4.08 13.22 0.31
N LEU B 42 5.16 13.55 -0.39
CA LEU B 42 5.87 14.78 -0.10
C LEU B 42 4.94 15.97 -0.18
N LEU B 43 4.37 16.22 -1.34
CA LEU B 43 3.59 17.44 -1.42
C LEU B 43 2.29 17.35 -0.63
N GLN B 44 2.10 16.32 0.17
CA GLN B 44 1.17 16.45 1.28
C GLN B 44 1.71 17.35 2.36
N LEU B 45 2.87 17.95 2.12
CA LEU B 45 3.63 18.60 3.15
C LEU B 45 4.18 19.93 2.66
N VAL B 46 3.33 20.72 2.02
CA VAL B 46 3.77 21.86 1.25
C VAL B 46 3.63 23.14 2.06
N SER B 47 2.39 23.53 2.30
CA SER B 47 2.12 24.81 2.95
C SER B 47 0.94 24.66 3.87
N GLN B 48 1.23 24.66 5.17
CA GLN B 48 0.20 25.03 6.13
C GLN B 48 -0.10 26.51 6.04
N GLN B 49 0.63 27.24 5.20
CA GLN B 49 0.44 28.69 5.04
C GLN B 49 -0.71 28.99 4.09
N SER B 50 -0.57 28.54 2.85
CA SER B 50 -1.53 28.80 1.79
C SER B 50 -1.84 27.52 1.06
N SER B 51 -2.75 27.62 0.10
CA SER B 51 -3.13 26.51 -0.73
C SER B 51 -2.35 26.52 -2.03
N VAL B 52 -2.09 25.34 -2.56
CA VAL B 52 -1.42 25.17 -3.84
C VAL B 52 -2.17 24.21 -4.74
N LEU B 53 -3.30 23.71 -4.30
CA LEU B 53 -4.19 23.04 -5.21
C LEU B 53 -4.72 23.98 -6.27
N GLU B 54 -5.01 25.22 -5.90
CA GLU B 54 -5.51 26.21 -6.85
C GLU B 54 -4.37 26.77 -7.67
N THR B 55 -3.42 27.43 -7.01
CA THR B 55 -2.16 27.72 -7.65
C THR B 55 -1.62 26.45 -8.29
N HIS B 56 -0.89 26.62 -9.38
CA HIS B 56 -0.31 25.49 -10.12
C HIS B 56 -1.37 24.49 -10.58
N LYS B 57 -2.64 24.90 -10.53
CA LYS B 57 -3.73 24.02 -10.95
C LYS B 57 -3.38 23.22 -12.17
N ALA B 58 -2.79 23.89 -13.16
CA ALA B 58 -2.60 23.28 -14.46
C ALA B 58 -1.88 21.96 -14.35
N ALA B 59 -0.91 21.88 -13.45
CA ALA B 59 -0.08 20.69 -13.37
C ALA B 59 -0.91 19.49 -12.98
N PHE B 60 -1.70 19.62 -11.92
CA PHE B 60 -2.58 18.52 -11.52
C PHE B 60 -3.57 18.20 -12.62
N LEU B 61 -4.11 19.25 -13.25
CA LEU B 61 -5.13 19.05 -14.26
C LEU B 61 -4.58 18.21 -15.41
N CYS B 62 -3.29 18.34 -15.67
CA CYS B 62 -2.68 17.50 -16.70
C CYS B 62 -2.28 16.15 -16.11
N PHE B 63 -1.96 16.15 -14.82
CA PHE B 63 -1.47 14.95 -14.18
C PHE B 63 -2.50 13.83 -14.27
N CYS B 64 -3.74 14.17 -13.98
CA CYS B 64 -4.77 13.14 -13.93
C CYS B 64 -4.86 12.42 -15.28
N VAL B 65 -5.01 13.19 -16.36
CA VAL B 65 -5.17 12.56 -17.66
C VAL B 65 -3.90 11.80 -18.01
N PHE B 66 -2.74 12.33 -17.63
CA PHE B 66 -1.49 11.66 -17.92
C PHE B 66 -1.47 10.25 -17.34
N ILE B 67 -1.59 10.16 -16.02
CA ILE B 67 -1.56 8.86 -15.37
C ILE B 67 -2.69 7.99 -15.91
N LEU B 68 -3.75 8.60 -16.42
CA LEU B 68 -4.82 7.78 -16.99
C LEU B 68 -4.35 7.09 -18.25
N PHE B 69 -3.69 7.86 -19.13
CA PHE B 69 -3.00 7.27 -20.25
C PHE B 69 -2.11 6.12 -19.76
N TYR B 70 -1.42 6.35 -18.65
CA TYR B 70 -0.54 5.32 -18.11
C TYR B 70 -1.29 4.03 -17.88
N ALA B 71 -2.37 4.11 -17.11
CA ALA B 71 -3.12 2.91 -16.75
C ALA B 71 -3.63 2.19 -17.98
N VAL B 72 -4.27 2.94 -18.88
CA VAL B 72 -4.87 2.30 -20.05
C VAL B 72 -3.82 1.69 -20.95
N LEU B 73 -2.60 2.18 -20.90
CA LEU B 73 -1.55 1.52 -21.66
C LEU B 73 -1.13 0.22 -20.99
N ARG B 74 -0.84 0.28 -19.69
CA ARG B 74 -0.37 -0.91 -19.00
C ARG B 74 -1.36 -2.05 -19.15
N VAL B 75 -2.65 -1.73 -19.22
CA VAL B 75 -3.64 -2.80 -19.26
C VAL B 75 -3.50 -3.60 -20.53
N ARG B 76 -3.51 -2.93 -21.68
CA ARG B 76 -3.39 -3.66 -22.93
C ARG B 76 -2.03 -4.32 -23.02
N GLU B 77 -1.01 -3.72 -22.41
CA GLU B 77 0.29 -4.36 -22.40
C GLU B 77 0.20 -5.72 -21.72
N ALA B 78 -0.33 -5.76 -20.50
CA ALA B 78 -0.48 -7.02 -19.80
C ALA B 78 -1.43 -7.95 -20.53
N MET B 79 -2.35 -7.40 -21.32
CA MET B 79 -3.21 -8.23 -22.14
C MET B 79 -2.41 -8.96 -23.21
N ASP B 80 -1.45 -8.27 -23.82
CA ASP B 80 -0.76 -8.75 -25.01
C ASP B 80 0.49 -9.56 -24.68
N VAL B 81 0.65 -10.00 -23.43
CA VAL B 81 1.90 -10.66 -23.03
C VAL B 81 2.04 -11.99 -23.76
N ARG B 82 1.06 -12.88 -23.58
CA ARG B 82 1.21 -14.24 -24.07
C ARG B 82 1.20 -14.28 -25.59
N LEU B 83 0.64 -13.26 -26.22
CA LEU B 83 0.42 -13.31 -27.66
C LEU B 83 1.71 -13.06 -28.43
N GLN B 84 2.47 -12.04 -28.03
CA GLN B 84 3.56 -11.57 -28.86
C GLN B 84 4.70 -11.01 -28.03
N PRO B 85 5.94 -11.44 -28.28
CA PRO B 85 7.10 -10.75 -27.68
C PRO B 85 7.68 -9.69 -28.60
N GLY B 86 6.98 -9.39 -29.68
CA GLY B 86 7.52 -8.60 -30.77
C GLY B 86 7.48 -7.11 -30.53
N LEU B 87 7.56 -6.36 -31.63
CA LEU B 87 7.66 -4.92 -31.56
C LEU B 87 6.32 -4.28 -31.23
N VAL B 88 5.24 -4.83 -31.75
CA VAL B 88 3.90 -4.28 -31.56
C VAL B 88 3.68 -4.03 -30.07
N PRO B 89 3.79 -5.05 -29.21
CA PRO B 89 3.67 -4.80 -27.77
C PRO B 89 4.80 -3.98 -27.22
N ARG B 90 5.97 -4.07 -27.85
CA ARG B 90 7.13 -3.32 -27.40
C ARG B 90 6.81 -1.84 -27.31
N LEU B 91 6.31 -1.28 -28.41
CA LEU B 91 5.94 0.13 -28.45
C LEU B 91 4.96 0.45 -27.34
N ILE B 92 3.94 -0.38 -27.19
CA ILE B 92 2.87 -0.08 -26.24
C ILE B 92 3.45 0.03 -24.84
N GLY B 93 4.12 -1.03 -24.40
CA GLY B 93 4.67 -1.02 -23.07
C GLY B 93 5.60 0.17 -22.86
N HIS B 94 6.40 0.48 -23.87
CA HIS B 94 7.38 1.54 -23.70
C HIS B 94 6.70 2.89 -23.50
N GLY B 95 5.67 3.17 -24.29
CA GLY B 95 4.99 4.44 -24.12
C GLY B 95 4.26 4.50 -22.78
N SER B 96 3.72 3.37 -22.35
CA SER B 96 3.14 3.32 -21.03
C SER B 96 4.15 3.76 -19.99
N HIS B 97 5.36 3.21 -20.06
CA HIS B 97 6.36 3.61 -19.08
C HIS B 97 6.67 5.09 -19.23
N LEU B 98 6.57 5.62 -20.45
CA LEU B 98 6.86 7.03 -20.67
C LEU B 98 5.95 7.92 -19.85
N PHE B 99 4.64 7.74 -20.04
CA PHE B 99 3.69 8.74 -19.55
C PHE B 99 3.86 8.96 -18.05
N GLY B 100 4.15 7.90 -17.31
CA GLY B 100 4.17 8.03 -15.87
C GLY B 100 5.34 8.84 -15.37
N GLY B 101 6.52 8.58 -15.91
CA GLY B 101 7.64 9.42 -15.60
C GLY B 101 7.34 10.86 -15.93
N LEU B 102 6.64 11.08 -17.05
CA LEU B 102 6.26 12.44 -17.40
C LEU B 102 5.41 13.05 -16.29
N ALA B 103 4.47 12.27 -15.76
CA ALA B 103 3.57 12.78 -14.73
C ALA B 103 4.36 13.14 -13.48
N ALA B 104 5.25 12.25 -13.07
CA ALA B 104 6.08 12.53 -11.91
C ALA B 104 6.85 13.83 -12.11
N LEU B 105 7.36 14.02 -13.32
CA LEU B 105 8.07 15.26 -13.62
C LEU B 105 7.17 16.47 -13.35
N VAL B 106 6.04 16.50 -14.04
CA VAL B 106 5.17 17.66 -13.93
C VAL B 106 4.84 17.95 -12.49
N LEU B 107 4.45 16.91 -11.75
CA LEU B 107 4.02 17.13 -10.39
C LEU B 107 5.15 17.66 -9.53
N VAL B 108 6.31 17.01 -9.58
CA VAL B 108 7.41 17.39 -8.71
C VAL B 108 7.78 18.83 -9.00
N SER B 109 7.52 19.27 -10.22
CA SER B 109 7.87 20.64 -10.59
C SER B 109 7.47 21.61 -9.49
N VAL B 110 6.31 21.39 -8.89
CA VAL B 110 5.74 22.37 -7.99
C VAL B 110 6.62 22.67 -6.80
N VAL B 111 7.44 21.72 -6.37
CA VAL B 111 8.37 22.00 -5.28
C VAL B 111 9.44 22.95 -5.76
N SER B 112 9.94 22.73 -6.97
CA SER B 112 10.97 23.60 -7.52
C SER B 112 11.11 23.32 -9.01
N THR B 113 11.75 24.28 -9.70
CA THR B 113 11.91 24.21 -11.13
C THR B 113 13.23 23.60 -11.55
N ALA B 114 14.07 23.20 -10.60
CA ALA B 114 15.38 22.68 -10.93
C ALA B 114 15.30 21.23 -11.39
N PHE B 115 14.93 20.35 -10.46
CA PHE B 115 14.74 18.95 -10.84
C PHE B 115 13.76 18.88 -11.98
N SER B 116 12.88 19.86 -12.08
CA SER B 116 11.98 19.94 -13.22
C SER B 116 12.75 19.80 -14.52
N ILE B 117 13.68 20.73 -14.76
CA ILE B 117 14.40 20.73 -16.03
C ILE B 117 15.37 19.57 -16.10
N VAL B 118 15.96 19.22 -14.96
CA VAL B 118 16.90 18.09 -14.94
C VAL B 118 16.21 16.84 -15.43
N LEU B 119 14.99 16.62 -14.97
CA LEU B 119 14.28 15.40 -15.29
C LEU B 119 13.64 15.48 -16.66
N PHE B 120 13.25 16.68 -17.09
CA PHE B 120 12.95 16.89 -18.49
C PHE B 120 14.07 16.34 -19.36
N LEU B 121 15.29 16.78 -19.05
CA LEU B 121 16.45 16.36 -19.83
C LEU B 121 16.68 14.86 -19.72
N LEU B 122 16.47 14.30 -18.53
CA LEU B 122 16.71 12.87 -18.37
C LEU B 122 15.73 12.07 -19.21
N TRP B 123 14.46 12.46 -19.19
CA TRP B 123 13.48 11.82 -20.05
C TRP B 123 13.88 11.95 -21.50
N PHE B 124 14.39 13.12 -21.87
CA PHE B 124 14.82 13.34 -23.24
C PHE B 124 15.87 12.32 -23.65
N ILE B 125 16.97 12.27 -22.90
CA ILE B 125 18.05 11.33 -23.21
C ILE B 125 17.54 9.91 -23.15
N TRP B 126 16.55 9.66 -22.31
CA TRP B 126 16.05 8.31 -22.15
C TRP B 126 15.35 7.85 -23.42
N LEU B 127 14.45 8.68 -23.93
CA LEU B 127 13.82 8.40 -25.20
C LEU B 127 14.86 8.32 -26.30
N SER B 128 15.90 9.13 -26.20
CA SER B 128 16.95 9.12 -27.22
C SER B 128 17.62 7.75 -27.27
N ALA B 129 18.02 7.23 -26.12
CA ALA B 129 18.66 5.91 -26.09
C ALA B 129 17.69 4.84 -26.54
N VAL B 130 16.42 5.00 -26.17
CA VAL B 130 15.39 4.06 -26.62
C VAL B 130 15.42 3.94 -28.14
N VAL B 131 15.23 5.06 -28.83
CA VAL B 131 15.16 5.02 -30.28
C VAL B 131 16.49 4.58 -30.85
N TYR B 132 17.60 5.01 -30.24
CA TYR B 132 18.92 4.56 -30.63
C TYR B 132 18.97 3.04 -30.74
N LEU B 133 18.63 2.36 -29.66
CA LEU B 133 18.68 0.90 -29.67
C LEU B 133 17.59 0.33 -30.56
N GLU B 134 16.49 1.05 -30.74
CA GLU B 134 15.42 0.56 -31.60
C GLU B 134 15.89 0.45 -33.03
N THR B 135 16.66 1.43 -33.50
CA THR B 135 17.05 1.52 -34.89
C THR B 135 18.51 1.14 -35.12
N ASN B 136 19.26 0.84 -34.07
CA ASN B 136 20.66 0.47 -34.25
C ASN B 136 20.80 -0.84 -35.01
N LYS B 137 19.76 -1.66 -35.02
CA LYS B 137 19.77 -2.95 -35.71
C LYS B 137 18.41 -3.22 -36.29
N PRO B 138 18.32 -4.02 -37.36
CA PRO B 138 17.02 -4.36 -37.95
C PRO B 138 16.11 -5.06 -36.96
N VAL C 19 22.11 -19.43 -4.64
CA VAL C 19 20.75 -19.05 -5.01
C VAL C 19 20.14 -18.24 -3.87
N LYS C 20 20.72 -18.38 -2.67
CA LYS C 20 20.34 -17.54 -1.54
C LYS C 20 20.19 -16.08 -1.95
N PHE C 21 20.95 -15.66 -2.95
CA PHE C 21 21.13 -14.24 -3.23
C PHE C 21 19.82 -13.55 -3.54
N THR C 22 19.07 -14.08 -4.50
CA THR C 22 17.85 -13.42 -4.93
C THR C 22 16.86 -13.29 -3.79
N THR C 23 16.78 -14.32 -2.95
CA THR C 23 15.87 -14.27 -1.81
C THR C 23 16.25 -13.14 -0.89
N TYR C 24 17.52 -13.12 -0.49
CA TYR C 24 18.04 -12.05 0.33
C TYR C 24 17.63 -10.71 -0.26
N SER C 25 17.90 -10.53 -1.55
CA SER C 25 17.67 -9.24 -2.19
C SER C 25 16.19 -8.87 -2.17
N ALA C 26 15.33 -9.82 -2.50
CA ALA C 26 13.91 -9.52 -2.56
C ALA C 26 13.41 -9.08 -1.20
N ALA C 27 13.70 -9.87 -0.17
CA ALA C 27 13.17 -9.57 1.14
C ALA C 27 13.69 -8.23 1.65
N VAL C 28 14.96 -7.95 1.38
CA VAL C 28 15.54 -6.71 1.86
C VAL C 28 14.90 -5.54 1.14
N HIS C 29 14.70 -5.68 -0.17
CA HIS C 29 13.95 -4.69 -0.93
C HIS C 29 12.64 -4.39 -0.21
N LYS C 30 11.94 -5.44 0.17
CA LYS C 30 10.62 -5.28 0.76
C LYS C 30 10.71 -4.42 2.01
N VAL C 31 11.52 -4.82 2.97
CA VAL C 31 11.50 -4.09 4.23
C VAL C 31 12.04 -2.70 4.06
N LEU C 32 12.99 -2.52 3.15
CA LEU C 32 13.54 -1.20 2.96
C LEU C 32 12.46 -0.24 2.48
N VAL C 33 11.68 -0.67 1.50
CA VAL C 33 10.51 0.13 1.11
C VAL C 33 9.64 0.40 2.32
N MET C 34 9.43 -0.61 3.15
CA MET C 34 8.57 -0.42 4.32
C MET C 34 9.05 0.77 5.13
N VAL C 35 10.32 0.73 5.55
CA VAL C 35 10.78 1.74 6.50
C VAL C 35 10.81 3.11 5.85
N ASN C 36 11.19 3.18 4.58
CA ASN C 36 11.17 4.47 3.92
C ASN C 36 9.78 5.08 3.98
N ALA C 37 8.77 4.31 3.62
CA ALA C 37 7.43 4.85 3.63
C ALA C 37 7.05 5.26 5.03
N GLY C 38 7.45 4.48 6.01
CA GLY C 38 7.11 4.82 7.38
C GLY C 38 7.72 6.12 7.84
N ILE C 39 8.96 6.40 7.40
CA ILE C 39 9.59 7.61 7.85
C ILE C 39 8.92 8.79 7.21
N LEU C 40 8.54 8.65 5.94
CA LEU C 40 7.77 9.70 5.33
C LEU C 40 6.46 9.91 6.07
N GLY C 41 5.85 8.80 6.49
CA GLY C 41 4.63 8.92 7.26
C GLY C 41 4.84 9.75 8.50
N LEU C 42 5.90 9.46 9.23
CA LEU C 42 6.21 10.26 10.41
C LEU C 42 6.32 11.73 10.07
N LEU C 43 7.26 12.09 9.22
CA LEU C 43 7.43 13.51 9.01
C LEU C 43 6.27 14.12 8.22
N GLN C 44 5.19 13.38 7.99
CA GLN C 44 3.93 14.05 7.73
C GLN C 44 3.38 14.71 8.96
N LEU C 45 4.13 14.68 10.05
CA LEU C 45 3.63 15.01 11.36
C LEU C 45 4.61 15.87 12.12
N VAL C 46 5.14 16.88 11.46
CA VAL C 46 6.30 17.60 11.95
C VAL C 46 5.89 18.88 12.65
N SER C 47 5.38 19.82 11.87
CA SER C 47 5.07 21.14 12.41
C SER C 47 3.81 21.67 11.76
N GLN C 48 2.73 21.67 12.52
CA GLN C 48 1.64 22.57 12.21
C GLN C 48 2.03 24.01 12.50
N GLN C 49 3.24 24.22 13.02
CA GLN C 49 3.72 25.56 13.36
C GLN C 49 4.30 26.26 12.14
N SER C 50 5.35 25.67 11.57
CA SER C 50 6.07 26.22 10.44
C SER C 50 6.27 25.15 9.39
N SER C 51 6.88 25.57 8.29
CA SER C 51 7.20 24.66 7.20
C SER C 51 8.63 24.18 7.33
N VAL C 52 8.86 22.95 6.87
CA VAL C 52 10.18 22.35 6.84
C VAL C 52 10.50 21.77 5.49
N LEU C 53 9.59 21.89 4.52
CA LEU C 53 9.95 21.61 3.15
C LEU C 53 11.01 22.57 2.65
N GLU C 54 10.93 23.84 3.04
CA GLU C 54 11.90 24.84 2.62
C GLU C 54 13.16 24.71 3.44
N THR C 55 13.05 24.92 4.74
CA THR C 55 14.12 24.52 5.64
C THR C 55 14.51 23.08 5.33
N HIS C 56 15.78 22.77 5.55
CA HIS C 56 16.31 21.45 5.30
C HIS C 56 16.10 21.00 3.86
N LYS C 57 15.77 21.94 2.97
CA LYS C 57 15.56 21.65 1.56
C LYS C 57 16.56 20.64 1.05
N ALA C 58 17.83 20.85 1.39
CA ALA C 58 18.90 20.08 0.78
C ALA C 58 18.65 18.59 0.91
N ALA C 59 18.13 18.18 2.06
CA ALA C 59 17.99 16.76 2.31
C ALA C 59 17.04 16.12 1.32
N PHE C 60 15.85 16.72 1.16
CA PHE C 60 14.91 16.20 0.17
C PHE C 60 15.50 16.27 -1.22
N LEU C 61 16.19 17.37 -1.52
CA LEU C 61 16.73 17.55 -2.86
C LEU C 61 17.69 16.44 -3.20
N CYS C 62 18.39 15.92 -2.19
CA CYS C 62 19.28 14.79 -2.42
C CYS C 62 18.49 13.48 -2.37
N PHE C 63 17.43 13.47 -1.58
CA PHE C 63 16.67 12.26 -1.37
C PHE C 63 16.11 11.74 -2.68
N CYS C 64 15.54 12.65 -3.47
CA CYS C 64 14.89 12.22 -4.69
C CYS C 64 15.87 11.47 -5.60
N VAL C 65 17.02 12.11 -5.87
CA VAL C 65 17.97 11.48 -6.77
C VAL C 65 18.48 10.18 -6.17
N PHE C 66 18.65 10.16 -4.85
CA PHE C 66 19.12 8.96 -4.20
C PHE C 66 18.21 7.78 -4.48
N ILE C 67 16.96 7.90 -4.07
CA ILE C 67 16.02 6.81 -4.28
C ILE C 67 15.89 6.51 -5.76
N LEU C 68 16.19 7.49 -6.62
CA LEU C 68 16.13 7.19 -8.04
C LEU C 68 17.24 6.23 -8.44
N PHE C 69 18.45 6.52 -7.96
CA PHE C 69 19.53 5.53 -8.07
C PHE C 69 19.05 4.18 -7.58
N TYR C 70 18.32 4.18 -6.46
CA TYR C 70 17.84 2.93 -5.90
C TYR C 70 17.01 2.16 -6.93
N ALA C 71 16.00 2.82 -7.48
CA ALA C 71 15.10 2.14 -8.41
C ALA C 71 15.85 1.62 -9.62
N VAL C 72 16.67 2.48 -10.23
CA VAL C 72 17.35 2.07 -11.45
C VAL C 72 18.33 0.95 -11.19
N LEU C 73 18.81 0.81 -9.96
CA LEU C 73 19.65 -0.34 -9.66
C LEU C 73 18.81 -1.60 -9.54
N ARG C 74 17.76 -1.54 -8.74
CA ARG C 74 16.94 -2.74 -8.53
C ARG C 74 16.45 -3.29 -9.85
N VAL C 75 16.17 -2.42 -10.81
CA VAL C 75 15.60 -2.91 -12.07
C VAL C 75 16.58 -3.82 -12.78
N ARG C 76 17.81 -3.34 -13.00
CA ARG C 76 18.76 -4.18 -13.69
C ARG C 76 19.09 -5.41 -12.87
N GLU C 77 19.04 -5.27 -11.54
CA GLU C 77 19.26 -6.44 -10.70
C GLU C 77 18.24 -7.53 -11.02
N ALA C 78 16.96 -7.17 -10.97
CA ALA C 78 15.92 -8.14 -11.30
C ALA C 78 16.02 -8.60 -12.73
N MET C 79 16.60 -7.78 -13.61
CA MET C 79 16.84 -8.20 -14.97
C MET C 79 17.85 -9.33 -15.04
N ASP C 80 18.90 -9.24 -14.23
CA ASP C 80 20.06 -10.10 -14.32
C ASP C 80 19.94 -11.36 -13.47
N VAL C 81 18.74 -11.68 -12.99
CA VAL C 81 18.59 -12.81 -12.05
C VAL C 81 18.91 -14.12 -12.74
N ARG C 82 18.19 -14.42 -13.82
CA ARG C 82 18.30 -15.75 -14.43
C ARG C 82 19.66 -15.95 -15.07
N LEU C 83 20.34 -14.86 -15.40
CA LEU C 83 21.55 -14.96 -16.19
C LEU C 83 22.73 -15.42 -15.34
N GLN C 84 22.90 -14.82 -14.16
CA GLN C 84 24.13 -15.01 -13.41
C GLN C 84 23.91 -14.95 -11.91
N PRO C 85 24.41 -15.92 -11.15
CA PRO C 85 24.42 -15.80 -9.70
C PRO C 85 25.74 -15.23 -9.17
N GLY C 86 26.58 -14.76 -10.08
CA GLY C 86 27.95 -14.43 -9.78
C GLY C 86 28.14 -13.07 -9.14
N LEU C 87 29.38 -12.58 -9.24
CA LEU C 87 29.76 -11.34 -8.57
C LEU C 87 29.22 -10.13 -9.30
N VAL C 88 29.18 -10.17 -10.63
CA VAL C 88 28.73 -9.05 -11.44
C VAL C 88 27.37 -8.57 -10.92
N PRO C 89 26.36 -9.41 -10.86
CA PRO C 89 25.09 -8.98 -10.28
C PRO C 89 25.18 -8.73 -8.80
N ARG C 90 26.09 -9.42 -8.13
CA ARG C 90 26.26 -9.24 -6.70
C ARG C 90 26.49 -7.78 -6.36
N LEU C 91 27.49 -7.18 -6.99
CA LEU C 91 27.80 -5.77 -6.78
C LEU C 91 26.58 -4.91 -7.01
N ILE C 92 25.88 -5.15 -8.12
CA ILE C 92 24.76 -4.30 -8.49
C ILE C 92 23.71 -4.32 -7.40
N GLY C 93 23.24 -5.50 -7.06
CA GLY C 93 22.20 -5.60 -6.06
C GLY C 93 22.64 -4.96 -4.76
N HIS C 94 23.90 -5.17 -4.40
CA HIS C 94 24.35 -4.68 -3.12
C HIS C 94 24.33 -3.15 -3.07
N GLY C 95 24.80 -2.51 -4.13
CA GLY C 95 24.77 -1.06 -4.14
C GLY C 95 23.36 -0.53 -4.16
N SER C 96 22.49 -1.22 -4.87
CA SER C 96 21.08 -0.85 -4.83
C SER C 96 20.59 -0.83 -3.40
N HIS C 97 20.87 -1.87 -2.64
CA HIS C 97 20.43 -1.87 -1.26
C HIS C 97 21.07 -0.74 -0.49
N LEU C 98 22.30 -0.36 -0.87
CA LEU C 98 22.98 0.73 -0.17
C LEU C 98 22.19 2.03 -0.26
N PHE C 99 21.91 2.45 -1.48
CA PHE C 99 21.44 3.82 -1.69
C PHE C 99 20.21 4.10 -0.84
N GLY C 100 19.33 3.12 -0.71
CA GLY C 100 18.06 3.38 -0.07
C GLY C 100 18.21 3.61 1.42
N GLY C 101 19.01 2.77 2.07
CA GLY C 101 19.31 3.03 3.46
C GLY C 101 19.93 4.40 3.63
N LEU C 102 20.78 4.78 2.67
CA LEU C 102 21.34 6.12 2.73
C LEU C 102 20.24 7.16 2.73
N ALA C 103 19.24 6.98 1.86
CA ALA C 103 18.17 7.96 1.75
C ALA C 103 17.39 8.05 3.05
N ALA C 104 17.05 6.90 3.61
CA ALA C 104 16.34 6.89 4.88
C ALA C 104 17.13 7.64 5.92
N LEU C 105 18.44 7.45 5.93
CA LEU C 105 19.29 8.18 6.87
C LEU C 105 19.10 9.68 6.69
N VAL C 106 19.36 10.17 5.49
CA VAL C 106 19.32 11.60 5.26
C VAL C 106 17.99 12.17 5.68
N LEU C 107 16.92 11.51 5.27
CA LEU C 107 15.59 12.04 5.55
C LEU C 107 15.34 12.09 7.05
N VAL C 108 15.56 10.97 7.74
CA VAL C 108 15.22 10.90 9.15
C VAL C 108 16.02 11.95 9.90
N SER C 109 17.17 12.34 9.35
CA SER C 109 17.98 13.34 10.01
C SER C 109 17.14 14.50 10.50
N VAL C 110 16.15 14.90 9.71
CA VAL C 110 15.44 16.13 9.98
C VAL C 110 14.73 16.12 11.32
N VAL C 111 14.34 14.94 11.80
CA VAL C 111 13.73 14.89 13.12
C VAL C 111 14.77 15.17 14.18
N SER C 112 15.96 14.62 14.02
CA SER C 112 17.04 14.84 14.97
C SER C 112 18.35 14.37 14.38
N THR C 113 19.43 14.85 14.98
CA THR C 113 20.77 14.56 14.50
C THR C 113 21.40 13.35 15.18
N ALA C 114 20.69 12.72 16.12
CA ALA C 114 21.26 11.61 16.87
C ALA C 114 21.24 10.33 16.06
N PHE C 115 20.04 9.83 15.80
CA PHE C 115 19.93 8.65 14.95
C PHE C 115 20.63 8.91 13.64
N SER C 116 20.73 10.17 13.24
CA SER C 116 21.48 10.53 12.07
C SER C 116 22.87 9.91 12.11
N ILE C 117 23.65 10.27 13.14
CA ILE C 117 25.03 9.81 13.20
C ILE C 117 25.06 8.32 13.55
N VAL C 118 24.12 7.87 14.37
CA VAL C 118 24.09 6.45 14.72
C VAL C 118 23.98 5.60 13.46
N LEU C 119 23.10 6.03 12.56
CA LEU C 119 22.82 5.25 11.38
C LEU C 119 23.89 5.46 10.32
N PHE C 120 24.48 6.65 10.28
CA PHE C 120 25.72 6.83 9.53
C PHE C 120 26.69 5.73 9.89
N LEU C 121 26.93 5.58 11.20
CA LEU C 121 27.89 4.59 11.67
C LEU C 121 27.44 3.18 11.33
N LEU C 122 26.14 2.91 11.43
CA LEU C 122 25.67 1.56 11.16
C LEU C 122 25.89 1.21 9.69
N TRP C 123 25.59 2.15 8.80
CA TRP C 123 25.87 1.94 7.39
C TRP C 123 27.36 1.72 7.17
N PHE C 124 28.18 2.46 7.90
CA PHE C 124 29.61 2.32 7.78
C PHE C 124 30.04 0.90 8.08
N ILE C 125 29.69 0.42 9.28
CA ILE C 125 30.06 -0.93 9.69
C ILE C 125 29.45 -1.95 8.73
N TRP C 126 28.29 -1.63 8.17
CA TRP C 126 27.61 -2.56 7.31
C TRP C 126 28.41 -2.78 6.03
N LEU C 127 28.81 -1.68 5.40
CA LEU C 127 29.68 -1.78 4.25
C LEU C 127 31.00 -2.45 4.62
N SER C 128 31.47 -2.21 5.83
CA SER C 128 32.71 -2.82 6.28
C SER C 128 32.59 -4.34 6.29
N ALA C 129 31.53 -4.86 6.90
CA ALA C 129 31.33 -6.30 6.93
C ALA C 129 31.14 -6.85 5.53
N VAL C 130 30.44 -6.08 4.68
CA VAL C 130 30.26 -6.48 3.29
C VAL C 130 31.60 -6.77 2.65
N VAL C 131 32.48 -5.77 2.64
CA VAL C 131 33.76 -5.93 1.98
C VAL C 131 34.60 -7.00 2.68
N TYR C 132 34.50 -7.07 4.00
CA TYR C 132 35.16 -8.12 4.76
C TYR C 132 34.85 -9.48 4.17
N LEU C 133 33.56 -9.81 4.08
CA LEU C 133 33.17 -11.11 3.54
C LEU C 133 33.48 -11.22 2.07
N GLU C 134 33.49 -10.09 1.36
CA GLU C 134 33.79 -10.11 -0.07
C GLU C 134 35.21 -10.59 -0.31
N THR C 135 36.15 -10.14 0.51
CA THR C 135 37.56 -10.39 0.30
C THR C 135 38.13 -11.42 1.27
N ASN C 136 37.33 -11.92 2.21
CA ASN C 136 37.84 -12.91 3.14
C ASN C 136 38.21 -14.21 2.45
N LYS C 137 37.66 -14.46 1.27
CA LYS C 137 37.92 -15.66 0.50
C LYS C 137 37.94 -15.33 -0.97
N PRO C 138 38.66 -16.12 -1.79
CA PRO C 138 38.68 -15.89 -3.23
C PRO C 138 37.29 -15.97 -3.86
N VAL D 19 5.86 -27.78 8.94
CA VAL D 19 5.86 -26.87 7.81
C VAL D 19 4.86 -25.75 8.08
N LYS D 20 3.94 -26.01 9.01
CA LYS D 20 3.03 -24.97 9.49
C LYS D 20 3.75 -23.65 9.74
N PHE D 21 5.02 -23.73 10.11
CA PHE D 21 5.74 -22.60 10.68
C PHE D 21 5.77 -21.42 9.72
N THR D 22 6.24 -21.65 8.50
CA THR D 22 6.42 -20.56 7.55
C THR D 22 5.10 -19.87 7.26
N THR D 23 4.03 -20.65 7.16
CA THR D 23 2.72 -20.07 6.92
C THR D 23 2.33 -19.14 8.04
N TYR D 24 2.40 -19.66 9.26
CA TYR D 24 2.13 -18.86 10.44
C TYR D 24 2.90 -17.55 10.36
N SER D 25 4.20 -17.66 10.10
CA SER D 25 5.07 -16.50 10.12
C SER D 25 4.66 -15.49 9.05
N ALA D 26 4.41 -15.97 7.85
CA ALA D 26 4.08 -15.05 6.77
C ALA D 26 2.81 -14.29 7.09
N ALA D 27 1.76 -15.01 7.46
CA ALA D 27 0.48 -14.37 7.69
C ALA D 27 0.58 -13.37 8.84
N VAL D 28 1.33 -13.73 9.88
CA VAL D 28 1.43 -12.84 11.02
C VAL D 28 2.20 -11.60 10.63
N HIS D 29 3.27 -11.77 9.86
CA HIS D 29 3.98 -10.63 9.30
C HIS D 29 3.00 -9.70 8.63
N LYS D 30 2.12 -10.27 7.81
CA LYS D 30 1.20 -9.47 7.04
C LYS D 30 0.35 -8.59 7.95
N VAL D 31 -0.36 -9.23 8.88
CA VAL D 31 -1.31 -8.44 9.66
C VAL D 31 -0.58 -7.46 10.56
N LEU D 32 0.60 -7.84 11.03
CA LEU D 32 1.33 -6.95 11.90
C LEU D 32 1.67 -5.65 11.17
N VAL D 33 2.18 -5.78 9.94
CA VAL D 33 2.38 -4.60 9.13
C VAL D 33 1.07 -3.82 9.03
N MET D 34 -0.04 -4.53 8.80
CA MET D 34 -1.31 -3.85 8.66
C MET D 34 -1.56 -2.93 9.85
N VAL D 35 -1.53 -3.48 11.05
CA VAL D 35 -1.94 -2.70 12.22
C VAL D 35 -0.96 -1.59 12.48
N ASN D 36 0.32 -1.84 12.28
CA ASN D 36 1.28 -0.75 12.49
C ASN D 36 0.95 0.43 11.59
N ALA D 37 0.72 0.16 10.31
CA ALA D 37 0.42 1.26 9.41
C ALA D 37 -0.86 1.96 9.84
N GLY D 38 -1.82 1.18 10.29
CA GLY D 38 -3.08 1.79 10.70
C GLY D 38 -2.92 2.71 11.89
N ILE D 39 -2.05 2.33 12.84
CA ILE D 39 -1.90 3.17 14.02
C ILE D 39 -1.21 4.46 13.64
N LEU D 40 -0.24 4.36 12.73
CA LEU D 40 0.37 5.57 12.22
C LEU D 40 -0.68 6.43 11.53
N GLY D 41 -1.57 5.78 10.79
CA GLY D 41 -2.63 6.52 10.15
C GLY D 41 -3.45 7.30 11.16
N LEU D 42 -3.83 6.64 12.24
CA LEU D 42 -4.57 7.33 13.28
C LEU D 42 -3.82 8.54 13.79
N LEU D 43 -2.64 8.34 14.34
CA LEU D 43 -1.99 9.50 14.92
C LEU D 43 -1.49 10.47 13.87
N GLN D 44 -1.85 10.28 12.60
CA GLN D 44 -1.84 11.43 11.70
C GLN D 44 -2.94 12.40 12.01
N LEU D 45 -3.68 12.14 13.08
CA LEU D 45 -4.95 12.80 13.34
C LEU D 45 -5.06 13.20 14.80
N VAL D 46 -4.01 13.78 15.33
CA VAL D 46 -3.86 13.94 16.77
C VAL D 46 -4.27 15.33 17.19
N SER D 47 -3.47 16.31 16.81
CA SER D 47 -3.68 17.68 17.27
C SER D 47 -3.36 18.65 16.16
N GLN D 48 -4.40 19.23 15.58
CA GLN D 48 -4.22 20.48 14.89
C GLN D 48 -3.95 21.61 15.88
N GLN D 49 -3.97 21.30 17.18
CA GLN D 49 -3.74 22.30 18.22
C GLN D 49 -2.26 22.51 18.46
N SER D 50 -1.57 21.45 18.85
CA SER D 50 -0.15 21.48 19.18
C SER D 50 0.56 20.34 18.50
N SER D 51 1.87 20.30 18.71
CA SER D 51 2.70 19.25 18.17
C SER D 51 2.92 18.17 19.22
N VAL D 52 3.07 16.94 18.76
CA VAL D 52 3.36 15.80 19.61
C VAL D 52 4.52 15.00 19.09
N LEU D 53 5.12 15.41 17.99
CA LEU D 53 6.39 14.86 17.60
C LEU D 53 7.47 15.16 18.62
N GLU D 54 7.45 16.36 19.20
CA GLU D 54 8.44 16.75 20.20
C GLU D 54 8.07 16.16 21.54
N THR D 55 6.92 16.53 22.07
CA THR D 55 6.35 15.79 23.17
C THR D 55 6.35 14.31 22.83
N HIS D 56 6.49 13.47 23.85
CA HIS D 56 6.51 12.03 23.70
C HIS D 56 7.62 11.58 22.75
N LYS D 57 8.57 12.47 22.46
CA LYS D 57 9.69 12.14 21.58
C LYS D 57 10.20 10.74 21.81
N ALA D 58 10.37 10.38 23.08
CA ALA D 58 11.06 9.15 23.43
C ALA D 58 10.43 7.97 22.71
N ALA D 59 9.11 7.96 22.61
CA ALA D 59 8.43 6.80 22.06
C ALA D 59 8.84 6.57 20.62
N PHE D 60 8.76 7.61 19.80
CA PHE D 60 9.20 7.48 18.41
C PHE D 60 10.66 7.12 18.34
N LEU D 61 11.47 7.74 19.19
CA LEU D 61 12.90 7.51 19.15
C LEU D 61 13.22 6.04 19.38
N CYS D 62 12.39 5.38 20.19
CA CYS D 62 12.57 3.95 20.40
C CYS D 62 11.91 3.16 19.28
N PHE D 63 10.83 3.72 18.73
CA PHE D 63 10.05 3.03 17.73
C PHE D 63 10.90 2.69 16.53
N CYS D 64 11.68 3.66 16.07
CA CYS D 64 12.46 3.45 14.85
C CYS D 64 13.38 2.25 15.01
N VAL D 65 14.18 2.25 16.07
CA VAL D 65 15.13 1.16 16.25
C VAL D 65 14.39 -0.15 16.44
N PHE D 66 13.25 -0.10 17.13
CA PHE D 66 12.48 -1.31 17.34
C PHE D 66 12.10 -1.96 16.02
N ILE D 67 11.34 -1.24 15.20
CA ILE D 67 10.92 -1.80 13.93
C ILE D 67 12.13 -2.17 13.09
N LEU D 68 13.27 -1.54 13.34
CA LEU D 68 14.46 -1.93 12.58
C LEU D 68 14.91 -3.32 12.98
N PHE D 69 14.96 -3.58 14.28
CA PHE D 69 15.13 -4.94 14.75
C PHE D 69 14.15 -5.86 14.05
N TYR D 70 12.92 -5.41 13.93
CA TYR D 70 11.90 -6.23 13.29
C TYR D 70 12.34 -6.65 11.89
N ALA D 71 12.69 -5.66 11.07
CA ALA D 71 13.03 -5.94 9.68
C ALA D 71 14.22 -6.88 9.59
N VAL D 72 15.28 -6.56 10.34
CA VAL D 72 16.49 -7.37 10.23
C VAL D 72 16.26 -8.78 10.73
N LEU D 73 15.28 -8.99 11.59
CA LEU D 73 14.96 -10.35 11.97
C LEU D 73 14.22 -11.07 10.87
N ARG D 74 13.17 -10.45 10.35
CA ARG D 74 12.37 -11.11 9.32
C ARG D 74 13.24 -11.51 8.15
N VAL D 75 14.26 -10.72 7.85
CA VAL D 75 15.07 -11.04 6.67
C VAL D 75 15.78 -12.36 6.83
N ARG D 76 16.51 -12.52 7.92
CA ARG D 76 17.21 -13.78 8.11
C ARG D 76 16.24 -14.92 8.28
N GLU D 77 15.06 -14.64 8.84
CA GLU D 77 14.04 -15.67 8.93
C GLU D 77 13.70 -16.20 7.54
N ALA D 78 13.32 -15.30 6.64
CA ALA D 78 13.00 -15.71 5.27
C ALA D 78 14.21 -16.32 4.58
N MET D 79 15.41 -15.95 5.00
CA MET D 79 16.61 -16.59 4.46
C MET D 79 16.67 -18.05 4.85
N ASP D 80 16.32 -18.36 6.10
CA ASP D 80 16.55 -19.67 6.69
C ASP D 80 15.38 -20.63 6.47
N VAL D 81 14.45 -20.31 5.56
CA VAL D 81 13.25 -21.13 5.41
C VAL D 81 13.60 -22.51 4.89
N ARG D 82 14.25 -22.58 3.74
CA ARG D 82 14.46 -23.85 3.07
C ARG D 82 15.43 -24.72 3.85
N LEU D 83 16.26 -24.10 4.68
CA LEU D 83 17.35 -24.84 5.32
C LEU D 83 16.84 -25.69 6.48
N GLN D 84 16.00 -25.12 7.33
CA GLN D 84 15.68 -25.76 8.59
C GLN D 84 14.26 -25.44 9.06
N PRO D 85 13.48 -26.46 9.42
CA PRO D 85 12.21 -26.18 10.10
C PRO D 85 12.33 -26.22 11.61
N GLY D 86 13.56 -26.30 12.11
CA GLY D 86 13.83 -26.61 13.49
C GLY D 86 13.70 -25.42 14.43
N LEU D 87 14.33 -25.57 15.59
CA LEU D 87 14.21 -24.57 16.64
C LEU D 87 15.03 -23.32 16.35
N VAL D 88 16.20 -23.49 15.75
CA VAL D 88 17.10 -22.39 15.46
C VAL D 88 16.31 -21.29 14.75
N PRO D 89 15.69 -21.57 13.60
CA PRO D 89 14.87 -20.53 12.96
C PRO D 89 13.64 -20.18 13.75
N ARG D 90 13.15 -21.15 14.53
CA ARG D 90 11.96 -20.91 15.34
C ARG D 90 12.14 -19.69 16.22
N LEU D 91 13.22 -19.69 17.00
CA LEU D 91 13.51 -18.57 17.88
C LEU D 91 13.57 -17.26 17.10
N ILE D 92 14.27 -17.27 15.96
CA ILE D 92 14.47 -16.06 15.21
C ILE D 92 13.14 -15.47 14.79
N GLY D 93 12.35 -16.26 14.08
CA GLY D 93 11.08 -15.77 13.62
C GLY D 93 10.22 -15.27 14.77
N HIS D 94 10.25 -15.98 15.88
CA HIS D 94 9.38 -15.62 16.99
C HIS D 94 9.76 -14.26 17.55
N GLY D 95 11.06 -14.02 17.74
CA GLY D 95 11.47 -12.73 18.26
C GLY D 95 11.17 -11.61 17.29
N SER D 96 11.33 -11.90 16.00
CA SER D 96 10.93 -10.94 14.99
C SER D 96 9.49 -10.53 15.19
N HIS D 97 8.60 -11.50 15.36
CA HIS D 97 7.21 -11.15 15.58
C HIS D 97 7.05 -10.35 16.86
N LEU D 98 7.90 -10.62 17.85
CA LEU D 98 7.82 -9.90 19.12
C LEU D 98 7.99 -8.40 18.91
N PHE D 99 9.12 -8.04 18.32
CA PHE D 99 9.53 -6.63 18.37
C PHE D 99 8.45 -5.72 17.81
N GLY D 100 7.76 -6.18 16.77
CA GLY D 100 6.83 -5.30 16.09
C GLY D 100 5.61 -5.00 16.92
N GLY D 101 5.04 -6.04 17.54
CA GLY D 101 3.97 -5.80 18.47
C GLY D 101 4.41 -4.85 19.56
N LEU D 102 5.66 -5.01 20.01
CA LEU D 102 6.17 -4.08 21.00
C LEU D 102 6.11 -2.65 20.49
N ALA D 103 6.50 -2.45 19.23
CA ALA D 103 6.52 -1.11 18.66
C ALA D 103 5.13 -0.53 18.60
N ALA D 104 4.18 -1.33 18.12
CA ALA D 104 2.80 -0.88 18.07
C ALA D 104 2.34 -0.45 19.44
N LEU D 105 2.70 -1.23 20.46
CA LEU D 105 2.35 -0.86 21.82
C LEU D 105 2.85 0.53 22.16
N VAL D 106 4.16 0.70 22.05
CA VAL D 106 4.76 1.95 22.47
C VAL D 106 4.10 3.11 21.75
N LEU D 107 3.94 2.98 20.44
CA LEU D 107 3.40 4.09 19.68
C LEU D 107 1.98 4.41 20.10
N VAL D 108 1.12 3.40 20.16
CA VAL D 108 -0.29 3.64 20.45
C VAL D 108 -0.40 4.29 21.81
N SER D 109 0.59 4.04 22.67
CA SER D 109 0.54 4.62 24.00
C SER D 109 0.14 6.08 23.95
N VAL D 110 0.65 6.81 22.96
CA VAL D 110 0.52 8.25 22.94
C VAL D 110 -0.93 8.71 22.90
N VAL D 111 -1.82 7.90 22.34
CA VAL D 111 -3.24 8.27 22.37
C VAL D 111 -3.77 8.17 23.78
N SER D 112 -3.39 7.12 24.50
CA SER D 112 -3.83 6.93 25.87
C SER D 112 -2.99 5.84 26.52
N THR D 113 -3.04 5.83 27.84
CA THR D 113 -2.25 4.91 28.64
C THR D 113 -3.00 3.64 29.00
N ALA D 114 -4.25 3.50 28.56
CA ALA D 114 -5.05 2.35 28.95
C ALA D 114 -4.68 1.14 28.10
N PHE D 115 -4.99 1.21 26.81
CA PHE D 115 -4.60 0.14 25.91
C PHE D 115 -3.10 -0.10 26.05
N SER D 116 -2.37 0.93 26.43
CA SER D 116 -0.96 0.77 26.70
C SER D 116 -0.71 -0.41 27.64
N ILE D 117 -1.28 -0.33 28.84
CA ILE D 117 -1.02 -1.36 29.83
C ILE D 117 -1.73 -2.65 29.45
N VAL D 118 -2.91 -2.54 28.84
CA VAL D 118 -3.63 -3.74 28.44
C VAL D 118 -2.78 -4.56 27.49
N LEU D 119 -2.14 -3.89 26.55
CA LEU D 119 -1.38 -4.59 25.53
C LEU D 119 -0.01 -4.99 26.05
N PHE D 120 0.55 -4.22 26.97
CA PHE D 120 1.68 -4.71 27.74
C PHE D 120 1.36 -6.09 28.29
N LEU D 121 0.23 -6.19 28.98
CA LEU D 121 -0.17 -7.45 29.59
C LEU D 121 -0.40 -8.52 28.55
N LEU D 122 -1.00 -8.17 27.42
CA LEU D 122 -1.28 -9.16 26.40
C LEU D 122 0.02 -9.74 25.85
N TRP D 123 0.99 -8.86 25.56
CA TRP D 123 2.29 -9.32 25.13
C TRP D 123 2.91 -10.22 26.18
N PHE D 124 2.73 -9.86 27.45
CA PHE D 124 3.28 -10.66 28.53
C PHE D 124 2.74 -12.08 28.47
N ILE D 125 1.41 -12.21 28.51
CA ILE D 125 0.78 -13.53 28.47
C ILE D 125 1.15 -14.25 27.20
N TRP D 126 1.38 -13.50 26.12
CA TRP D 126 1.67 -14.11 24.83
C TRP D 126 3.01 -14.80 24.88
N LEU D 127 4.03 -14.09 25.37
CA LEU D 127 5.33 -14.70 25.56
C LEU D 127 5.24 -15.85 26.54
N SER D 128 4.36 -15.72 27.53
CA SER D 128 4.20 -16.78 28.53
C SER D 128 3.73 -18.06 27.86
N ALA D 129 2.68 -17.97 27.05
CA ALA D 129 2.18 -19.16 26.35
C ALA D 129 3.22 -19.69 25.40
N VAL D 130 3.97 -18.79 24.76
CA VAL D 130 5.05 -19.21 23.87
C VAL D 130 5.99 -20.15 24.60
N VAL D 131 6.57 -19.67 25.70
CA VAL D 131 7.55 -20.48 26.42
C VAL D 131 6.89 -21.72 27.00
N TYR D 132 5.65 -21.60 27.45
CA TYR D 132 4.88 -22.73 27.92
C TYR D 132 4.92 -23.86 26.90
N LEU D 133 4.49 -23.58 25.68
CA LEU D 133 4.48 -24.61 24.65
C LEU D 133 5.89 -25.00 24.23
N GLU D 134 6.84 -24.09 24.37
CA GLU D 134 8.21 -24.40 24.02
C GLU D 134 8.76 -25.50 24.90
N THR D 135 8.47 -25.44 26.19
CA THR D 135 9.05 -26.34 27.17
C THR D 135 8.08 -27.40 27.67
N ASN D 136 6.83 -27.37 27.21
CA ASN D 136 5.87 -28.37 27.65
C ASN D 136 6.25 -29.76 27.17
N LYS D 137 7.07 -29.85 26.13
CA LYS D 137 7.50 -31.13 25.58
C LYS D 137 8.93 -31.00 25.09
N PRO D 138 9.68 -32.12 25.05
CA PRO D 138 11.06 -32.07 24.55
C PRO D 138 11.14 -31.58 23.11
N VAL E 19 -13.99 -26.23 -2.09
CA VAL E 19 -12.73 -25.53 -2.22
C VAL E 19 -12.98 -24.06 -2.49
N LYS E 20 -14.20 -23.77 -2.96
CA LYS E 20 -14.64 -22.38 -3.12
C LYS E 20 -14.26 -21.53 -1.92
N PHE E 21 -14.20 -22.16 -0.74
CA PHE E 21 -14.16 -21.42 0.51
C PHE E 21 -12.96 -20.50 0.59
N THR E 22 -11.77 -21.06 0.38
CA THR E 22 -10.55 -20.26 0.55
C THR E 22 -10.53 -19.08 -0.39
N THR E 23 -11.01 -19.27 -1.62
CA THR E 23 -11.05 -18.19 -2.58
C THR E 23 -11.94 -17.08 -2.07
N TYR E 24 -13.16 -17.45 -1.70
CA TYR E 24 -14.09 -16.49 -1.12
C TYR E 24 -13.40 -15.70 -0.02
N SER E 25 -12.78 -16.42 0.90
CA SER E 25 -12.18 -15.80 2.07
C SER E 25 -11.07 -14.83 1.67
N ALA E 26 -10.20 -15.26 0.78
CA ALA E 26 -9.07 -14.41 0.40
C ALA E 26 -9.57 -13.13 -0.22
N ALA E 27 -10.45 -13.24 -1.20
CA ALA E 27 -10.90 -12.06 -1.92
C ALA E 27 -11.62 -11.10 -0.98
N VAL E 28 -12.42 -11.65 -0.07
CA VAL E 28 -13.17 -10.80 0.84
C VAL E 28 -12.22 -10.10 1.79
N HIS E 29 -11.22 -10.83 2.29
CA HIS E 29 -10.16 -10.22 3.07
C HIS E 29 -9.62 -9.01 2.34
N LYS E 30 -9.33 -9.19 1.06
CA LYS E 30 -8.70 -8.13 0.28
C LYS E 30 -9.56 -6.88 0.30
N VAL E 31 -10.81 -7.01 -0.15
CA VAL E 31 -11.62 -5.80 -0.30
C VAL E 31 -11.91 -5.19 1.05
N LEU E 32 -12.05 -6.02 2.08
CA LEU E 32 -12.35 -5.47 3.39
C LEU E 32 -11.22 -4.57 3.85
N VAL E 33 -9.99 -5.05 3.71
CA VAL E 33 -8.85 -4.17 3.98
C VAL E 33 -8.96 -2.90 3.16
N MET E 34 -9.33 -3.04 1.89
CA MET E 34 -9.44 -1.86 1.03
C MET E 34 -10.33 -0.81 1.68
N VAL E 35 -11.56 -1.19 2.00
CA VAL E 35 -12.53 -0.19 2.44
C VAL E 35 -12.14 0.37 3.78
N ASN E 36 -11.60 -0.47 4.67
CA ASN E 36 -11.17 0.07 5.95
C ASN E 36 -10.15 1.18 5.75
N ALA E 37 -9.14 0.91 4.94
CA ALA E 37 -8.12 1.93 4.73
C ALA E 37 -8.73 3.16 4.13
N GLY E 38 -9.67 2.98 3.22
CA GLY E 38 -10.28 4.13 2.59
C GLY E 38 -11.05 4.99 3.57
N ILE E 39 -11.72 4.36 4.54
CA ILE E 39 -12.50 5.14 5.47
C ILE E 39 -11.57 5.92 6.37
N LEU E 40 -10.46 5.29 6.75
CA LEU E 40 -9.47 6.03 7.52
C LEU E 40 -8.95 7.20 6.69
N GLY E 41 -8.75 6.97 5.40
CA GLY E 41 -8.33 8.04 4.53
C GLY E 41 -9.28 9.20 4.59
N LEU E 42 -10.56 8.92 4.46
CA LEU E 42 -11.56 9.97 4.55
C LEU E 42 -11.43 10.74 5.85
N LEU E 43 -11.60 10.08 6.97
CA LEU E 43 -11.58 10.85 8.20
C LEU E 43 -10.20 11.37 8.55
N GLN E 44 -9.23 11.24 7.64
CA GLN E 44 -8.09 12.15 7.71
C GLN E 44 -8.46 13.55 7.31
N LEU E 45 -9.75 13.77 7.04
CA LEU E 45 -10.21 14.97 6.37
C LEU E 45 -11.44 15.53 7.03
N VAL E 46 -11.43 15.61 8.34
CA VAL E 46 -12.63 15.83 9.13
C VAL E 46 -12.76 17.28 9.51
N SER E 47 -11.87 17.74 10.38
CA SER E 47 -11.98 19.09 10.92
C SER E 47 -10.60 19.68 11.08
N GLN E 48 -10.26 20.61 10.21
CA GLN E 48 -9.23 21.57 10.54
C GLN E 48 -9.72 22.53 11.61
N GLN E 49 -10.98 22.41 12.03
CA GLN E 49 -11.57 23.29 13.04
C GLN E 49 -11.23 22.81 14.43
N SER E 50 -11.66 21.60 14.76
CA SER E 50 -11.49 21.02 16.08
C SER E 50 -10.96 19.60 15.95
N SER E 51 -10.72 18.99 17.09
CA SER E 51 -10.25 17.63 17.15
C SER E 51 -11.43 16.69 17.37
N VAL E 52 -11.31 15.47 16.82
CA VAL E 52 -12.30 14.43 16.98
C VAL E 52 -11.67 13.13 17.41
N LEU E 53 -10.37 13.11 17.61
CA LEU E 53 -9.75 11.99 18.28
C LEU E 53 -10.24 11.87 19.71
N GLU E 54 -10.42 12.99 20.39
CA GLU E 54 -10.90 12.98 21.77
C GLU E 54 -12.39 12.76 21.80
N THR E 55 -13.15 13.68 21.22
CA THR E 55 -14.54 13.41 20.93
C THR E 55 -14.64 12.07 20.22
N HIS E 56 -15.75 11.38 20.45
CA HIS E 56 -16.00 10.08 19.84
C HIS E 56 -14.91 9.06 20.18
N LYS E 57 -14.09 9.38 21.19
CA LYS E 57 -13.01 8.49 21.61
C LYS E 57 -13.45 7.04 21.60
N ALA E 58 -14.64 6.78 22.13
CA ALA E 58 -15.06 5.42 22.38
C ALA E 58 -14.96 4.58 21.11
N ALA E 59 -15.29 5.18 19.97
CA ALA E 59 -15.36 4.41 18.73
C ALA E 59 -13.98 3.87 18.38
N PHE E 60 -12.97 4.75 18.38
CA PHE E 60 -11.62 4.29 18.10
C PHE E 60 -11.18 3.27 19.15
N LEU E 61 -11.50 3.55 20.41
CA LEU E 61 -11.05 2.67 21.48
C LEU E 61 -11.57 1.26 21.28
N CYS E 62 -12.75 1.15 20.68
CA CYS E 62 -13.28 -0.18 20.36
C CYS E 62 -12.71 -0.68 19.05
N PHE E 63 -12.42 0.25 18.16
CA PHE E 63 -11.96 -0.11 16.83
C PHE E 63 -10.70 -0.92 16.89
N CYS E 64 -9.75 -0.47 17.71
CA CYS E 64 -8.46 -1.14 17.76
C CYS E 64 -8.64 -2.62 18.13
N VAL E 65 -9.33 -2.87 19.23
CA VAL E 65 -9.48 -4.25 19.67
C VAL E 65 -10.26 -5.04 18.64
N PHE E 66 -11.23 -4.41 18.00
CA PHE E 66 -12.03 -5.09 17.00
C PHE E 66 -11.15 -5.63 15.88
N ILE E 67 -10.45 -4.73 15.20
CA ILE E 67 -9.59 -5.16 14.10
C ILE E 67 -8.54 -6.13 14.61
N LEU E 68 -8.21 -6.08 15.90
CA LEU E 68 -7.25 -7.04 16.40
C LEU E 68 -7.85 -8.43 16.41
N PHE E 69 -9.08 -8.55 16.89
CA PHE E 69 -9.82 -9.78 16.72
C PHE E 69 -9.77 -10.21 15.27
N TYR E 70 -9.94 -9.26 14.37
CA TYR E 70 -9.93 -9.57 12.95
C TYR E 70 -8.64 -10.29 12.56
N ALA E 71 -7.51 -9.67 12.88
CA ALA E 71 -6.22 -10.22 12.47
C ALA E 71 -6.02 -11.61 13.06
N VAL E 72 -6.24 -11.74 14.37
CA VAL E 72 -5.98 -13.02 15.01
C VAL E 72 -6.90 -14.11 14.49
N LEU E 73 -8.06 -13.75 13.96
CA LEU E 73 -8.88 -14.76 13.34
C LEU E 73 -8.33 -15.17 11.99
N ARG E 74 -8.03 -14.18 11.14
CA ARG E 74 -7.55 -14.50 9.81
C ARG E 74 -6.32 -15.38 9.88
N VAL E 75 -5.50 -15.20 10.90
CA VAL E 75 -4.25 -15.96 10.94
C VAL E 75 -4.54 -17.44 11.10
N ARG E 76 -5.33 -17.81 12.10
CA ARG E 76 -5.61 -19.22 12.27
C ARG E 76 -6.41 -19.75 11.09
N GLU E 77 -7.21 -18.90 10.47
CA GLU E 77 -7.92 -19.34 9.27
C GLU E 77 -6.93 -19.79 8.21
N ALA E 78 -5.99 -18.92 7.87
CA ALA E 78 -4.98 -19.27 6.87
C ALA E 78 -4.13 -20.44 7.35
N MET E 79 -4.01 -20.63 8.66
CA MET E 79 -3.30 -21.79 9.17
C MET E 79 -4.04 -23.07 8.83
N ASP E 80 -5.37 -23.05 8.94
CA ASP E 80 -6.20 -24.24 8.87
C ASP E 80 -6.64 -24.58 7.46
N VAL E 81 -6.04 -23.97 6.43
CA VAL E 81 -6.53 -24.14 5.06
C VAL E 81 -6.33 -25.58 4.61
N ARG E 82 -5.09 -26.05 4.63
CA ARG E 82 -4.77 -27.35 4.04
C ARG E 82 -5.41 -28.48 4.84
N LEU E 83 -5.71 -28.24 6.11
CA LEU E 83 -6.14 -29.32 6.98
C LEU E 83 -7.58 -29.71 6.72
N GLN E 84 -8.47 -28.72 6.61
CA GLN E 84 -9.89 -29.01 6.63
C GLN E 84 -10.69 -28.03 5.78
N PRO E 85 -11.56 -28.52 4.90
CA PRO E 85 -12.51 -27.63 4.23
C PRO E 85 -13.85 -27.57 4.95
N GLY E 86 -13.91 -28.14 6.14
CA GLY E 86 -15.15 -28.39 6.83
C GLY E 86 -15.71 -27.20 7.57
N LEU E 87 -16.59 -27.50 8.52
CA LEU E 87 -17.31 -26.45 9.24
C LEU E 87 -16.42 -25.76 10.26
N VAL E 88 -15.54 -26.52 10.91
CA VAL E 88 -14.68 -25.99 11.95
C VAL E 88 -13.98 -24.73 11.44
N PRO E 89 -13.24 -24.81 10.33
CA PRO E 89 -12.64 -23.59 9.78
C PRO E 89 -13.67 -22.62 9.23
N ARG E 90 -14.80 -23.16 8.79
CA ARG E 90 -15.85 -22.32 8.23
C ARG E 90 -16.24 -21.24 9.23
N LEU E 91 -16.60 -21.66 10.43
CA LEU E 91 -16.98 -20.71 11.48
C LEU E 91 -15.89 -19.67 11.69
N ILE E 92 -14.64 -20.13 11.80
CA ILE E 92 -13.55 -19.22 12.11
C ILE E 92 -13.45 -18.14 11.06
N GLY E 93 -13.30 -18.55 9.81
CA GLY E 93 -13.16 -17.57 8.76
C GLY E 93 -14.34 -16.61 8.74
N HIS E 94 -15.53 -17.14 8.95
CA HIS E 94 -16.71 -16.30 8.83
C HIS E 94 -16.72 -15.22 9.90
N GLY E 95 -16.40 -15.59 11.14
CA GLY E 95 -16.37 -14.59 12.19
C GLY E 95 -15.27 -13.57 11.97
N SER E 96 -14.15 -14.03 11.43
CA SER E 96 -13.09 -13.10 11.06
C SER E 96 -13.64 -12.06 10.12
N HIS E 97 -14.35 -12.48 9.08
CA HIS E 97 -14.90 -11.51 8.16
C HIS E 97 -15.90 -10.60 8.86
N LEU E 98 -16.59 -11.12 9.88
CA LEU E 98 -17.55 -10.32 10.61
C LEU E 98 -16.89 -9.10 11.25
N PHE E 99 -15.89 -9.36 12.07
CA PHE E 99 -15.41 -8.31 12.96
C PHE E 99 -15.00 -7.07 12.18
N GLY E 100 -14.41 -7.26 11.01
CA GLY E 100 -13.86 -6.12 10.30
C GLY E 100 -14.94 -5.21 9.75
N GLY E 101 -15.96 -5.80 9.15
CA GLY E 101 -17.09 -5.00 8.75
C GLY E 101 -17.67 -4.26 9.92
N LEU E 102 -17.70 -4.92 11.08
CA LEU E 102 -18.18 -4.23 12.27
C LEU E 102 -17.33 -3.00 12.55
N ALA E 103 -16.02 -3.13 12.43
CA ALA E 103 -15.11 -2.03 12.73
C ALA E 103 -15.36 -0.88 11.76
N ALA E 104 -15.45 -1.20 10.48
CA ALA E 104 -15.74 -0.17 9.50
C ALA E 104 -17.02 0.56 9.85
N LEU E 105 -18.03 -0.18 10.28
CA LEU E 105 -19.28 0.45 10.69
C LEU E 105 -19.03 1.47 11.79
N VAL E 106 -18.45 1.01 12.89
CA VAL E 106 -18.28 1.89 14.04
C VAL E 106 -17.52 3.14 13.64
N LEU E 107 -16.43 2.96 12.89
CA LEU E 107 -15.61 4.10 12.56
C LEU E 107 -16.38 5.08 11.70
N VAL E 108 -16.99 4.59 10.61
CA VAL E 108 -17.64 5.49 9.67
C VAL E 108 -18.73 6.25 10.40
N SER E 109 -19.26 5.67 11.47
CA SER E 109 -20.30 6.34 12.21
C SER E 109 -19.98 7.81 12.42
N VAL E 110 -18.72 8.11 12.71
CA VAL E 110 -18.34 9.44 13.15
C VAL E 110 -18.67 10.50 12.11
N VAL E 111 -18.67 10.15 10.82
CA VAL E 111 -19.06 11.13 9.82
C VAL E 111 -20.53 11.43 9.93
N SER E 112 -21.35 10.40 10.14
CA SER E 112 -22.78 10.58 10.28
C SER E 112 -23.40 9.30 10.83
N THR E 113 -24.61 9.46 11.33
CA THR E 113 -25.34 8.37 11.97
C THR E 113 -26.26 7.63 11.01
N ALA E 114 -26.31 8.04 9.76
CA ALA E 114 -27.24 7.43 8.81
C ALA E 114 -26.69 6.11 8.30
N PHE E 115 -25.60 6.18 7.53
CA PHE E 115 -24.97 4.96 7.08
C PHE E 115 -24.67 4.07 8.26
N SER E 116 -24.49 4.69 9.43
CA SER E 116 -24.30 3.92 10.64
C SER E 116 -25.40 2.86 10.78
N ILE E 117 -26.65 3.32 10.85
CA ILE E 117 -27.75 2.39 11.09
C ILE E 117 -28.00 1.54 9.84
N VAL E 118 -27.80 2.12 8.66
CA VAL E 118 -28.01 1.36 7.44
C VAL E 118 -27.10 0.15 7.43
N LEU E 119 -25.86 0.34 7.82
CA LEU E 119 -24.88 -0.73 7.75
C LEU E 119 -25.01 -1.66 8.94
N PHE E 120 -25.44 -1.15 10.09
CA PHE E 120 -25.90 -2.02 11.16
C PHE E 120 -26.89 -3.03 10.59
N LEU E 121 -27.92 -2.52 9.91
CA LEU E 121 -28.95 -3.38 9.36
C LEU E 121 -28.39 -4.33 8.32
N LEU E 122 -27.45 -3.85 7.49
CA LEU E 122 -26.92 -4.72 6.45
C LEU E 122 -26.14 -5.87 7.07
N TRP E 123 -25.32 -5.58 8.08
CA TRP E 123 -24.63 -6.65 8.80
C TRP E 123 -25.63 -7.61 9.40
N PHE E 124 -26.73 -7.08 9.92
CA PHE E 124 -27.76 -7.91 10.52
C PHE E 124 -28.28 -8.92 9.51
N ILE E 125 -28.78 -8.42 8.38
CA ILE E 125 -29.32 -9.31 7.35
C ILE E 125 -28.24 -10.24 6.84
N TRP E 126 -26.99 -9.79 6.86
CA TRP E 126 -25.91 -10.60 6.33
C TRP E 126 -25.70 -11.83 7.20
N LEU E 127 -25.60 -11.61 8.50
CA LEU E 127 -25.52 -12.73 9.43
C LEU E 127 -26.76 -13.60 9.33
N SER E 128 -27.91 -12.98 9.07
CA SER E 128 -29.15 -13.73 8.94
C SER E 128 -29.07 -14.72 7.78
N ALA E 129 -28.65 -14.24 6.61
CA ALA E 129 -28.52 -15.12 5.45
C ALA E 129 -27.46 -16.17 5.71
N VAL E 130 -26.39 -15.80 6.41
CA VAL E 130 -25.35 -16.75 6.77
C VAL E 130 -25.96 -17.94 7.48
N VAL E 131 -26.63 -17.67 8.61
CA VAL E 131 -27.18 -18.76 9.40
C VAL E 131 -28.26 -19.49 8.63
N TYR E 132 -29.04 -18.75 7.83
CA TYR E 132 -30.04 -19.36 6.97
C TYR E 132 -29.42 -20.48 6.15
N LEU E 133 -28.38 -20.15 5.39
CA LEU E 133 -27.74 -21.16 4.56
C LEU E 133 -27.02 -22.20 5.39
N GLU E 134 -26.57 -21.82 6.59
CA GLU E 134 -25.89 -22.77 7.45
C GLU E 134 -26.81 -23.90 7.86
N THR E 135 -28.05 -23.57 8.18
CA THR E 135 -29.00 -24.53 8.72
C THR E 135 -30.06 -24.96 7.73
N ASN E 136 -30.05 -24.41 6.51
CA ASN E 136 -31.05 -24.81 5.52
C ASN E 136 -30.87 -26.26 5.10
N LYS E 137 -29.69 -26.83 5.31
CA LYS E 137 -29.41 -28.20 4.94
C LYS E 137 -28.46 -28.80 5.96
N PRO E 138 -28.49 -30.13 6.14
CA PRO E 138 -27.57 -30.79 7.08
C PRO E 138 -26.11 -30.54 6.73
#